data_6A47
#
_entry.id   6A47
#
_cell.length_a   145.666
_cell.length_b   48.404
_cell.length_c   90.593
_cell.angle_alpha   90.00
_cell.angle_beta   97.36
_cell.angle_gamma   90.00
#
_symmetry.space_group_name_H-M   'C 1 2 1'
#
loop_
_entity.id
_entity.type
_entity.pdbx_description
1 polymer 'Three prime repair exonuclease 2'
2 polymer "DNA (5'-D(P*CP*CP*AP*GP*GP*CP*CP*CP*TP*CP*TP*AP*GP*GP*GP*CP*CP*TP*T)-3')"
3 non-polymer 'MAGNESIUM ION'
4 non-polymer 'SODIUM ION'
5 water water
#
loop_
_entity_poly.entity_id
_entity_poly.type
_entity_poly.pdbx_seq_one_letter_code
_entity_poly.pdbx_strand_id
1 'polypeptide(L)'
;MGSSHHHHHHSSGLVPRGSHMSEPPRAETFVFLDLEATGLPNMDPEIAEISLFAVHRSSLENPERDDSGSLVLPRVLDKL
TLCMCPERPFTAKASEITGLSSESLMHCGKAGFNGAVVRTLQGFLSRQEGPICLVAHNGFDYDFPLLCTELQRLGAHLPQ
DTVCLDTLPALRGLDRAHSHGTRAQGRKSYSLASLFHRYFQAEPSAAHSAEGDVHTLLLIFLHRAPELLAWADEQARSWA
HIEPMYVPPDGPSLEA
;
A,B
2 'polydeoxyribonucleotide'
;(DT)(DG)(DC)(DC)(DA)(DG)(DG)(DC)(DC)(DC)(DT)(DC)(DT)(DT)(DT)(DA)(DG)(DG)(DG)(DC)
(DC)(DT)(DT)
;
C,D
#
# COMPACT_ATOMS: atom_id res chain seq x y z
N SER A 22 -3.51 -29.00 -20.33
CA SER A 22 -4.09 -27.72 -20.74
C SER A 22 -4.57 -26.95 -19.51
N GLU A 23 -3.81 -27.08 -18.42
CA GLU A 23 -4.19 -26.52 -17.13
C GLU A 23 -3.07 -25.66 -16.54
N PRO A 24 -3.36 -24.39 -16.19
CA PRO A 24 -2.36 -23.63 -15.46
C PRO A 24 -2.23 -24.14 -14.02
N PRO A 25 -1.10 -23.89 -13.36
CA PRO A 25 -0.99 -24.37 -11.98
C PRO A 25 -2.02 -23.64 -11.12
N ARG A 26 -2.25 -24.11 -9.89
CA ARG A 26 -3.19 -23.44 -9.01
C ARG A 26 -2.66 -22.06 -8.70
N ALA A 27 -3.56 -21.15 -8.31
CA ALA A 27 -3.17 -19.78 -8.02
C ALA A 27 -2.15 -19.75 -6.89
N GLU A 28 -1.10 -18.95 -7.05
CA GLU A 28 -0.04 -18.88 -6.04
C GLU A 28 -0.13 -17.62 -5.17
N THR A 29 -0.67 -16.54 -5.71
CA THR A 29 -0.88 -15.32 -4.92
C THR A 29 -2.35 -14.89 -4.99
N PHE A 30 -2.90 -14.59 -3.83
CA PHE A 30 -4.25 -14.09 -3.73
C PHE A 30 -4.19 -12.60 -3.44
N VAL A 31 -4.79 -11.84 -4.35
CA VAL A 31 -4.74 -10.38 -4.26
C VAL A 31 -6.11 -9.87 -3.85
N PHE A 32 -6.22 -9.49 -2.59
CA PHE A 32 -7.46 -9.00 -2.03
C PHE A 32 -7.66 -7.55 -2.44
N LEU A 33 -8.88 -7.26 -2.86
CA LEU A 33 -9.21 -6.02 -3.57
C LEU A 33 -10.45 -5.36 -2.98
N ASP A 34 -10.40 -4.04 -2.87
CA ASP A 34 -11.60 -3.26 -2.54
C ASP A 34 -11.53 -1.89 -3.21
N LEU A 35 -12.69 -1.44 -3.67
CA LEU A 35 -12.85 -0.16 -4.33
C LEU A 35 -13.77 0.73 -3.54
N GLU A 36 -13.38 1.99 -3.35
CA GLU A 36 -14.36 3.02 -2.98
C GLU A 36 -14.68 3.73 -4.27
N ALA A 37 -15.94 4.13 -4.42
CA ALA A 37 -16.39 4.69 -5.68
C ALA A 37 -17.51 5.71 -5.48
N THR A 38 -17.94 6.29 -6.59
CA THR A 38 -18.89 7.40 -6.54
C THR A 38 -20.33 6.98 -6.29
N GLY A 39 -20.60 5.68 -6.24
CA GLY A 39 -21.96 5.22 -6.02
C GLY A 39 -22.15 3.76 -6.34
N LEU A 40 -23.42 3.35 -6.44
CA LEU A 40 -23.78 1.97 -6.74
C LEU A 40 -23.96 1.84 -8.25
N PRO A 41 -24.04 0.59 -8.77
CA PRO A 41 -23.97 0.39 -10.22
C PRO A 41 -25.01 1.13 -11.03
N ASN A 42 -26.11 1.50 -10.39
CA ASN A 42 -27.20 2.18 -11.07
C ASN A 42 -26.85 3.55 -11.63
N MET A 43 -25.74 4.15 -11.17
CA MET A 43 -25.36 5.48 -11.63
C MET A 43 -24.01 5.47 -12.35
N ASP A 44 -23.61 4.31 -12.85
CA ASP A 44 -22.32 4.13 -13.54
C ASP A 44 -21.17 4.70 -12.72
N PRO A 45 -20.86 4.07 -11.58
CA PRO A 45 -19.89 4.64 -10.66
C PRO A 45 -18.46 4.63 -11.19
N GLU A 46 -17.62 5.45 -10.60
CA GLU A 46 -16.19 5.49 -10.93
C GLU A 46 -15.35 5.24 -9.69
N ILE A 47 -14.20 4.61 -9.88
CA ILE A 47 -13.30 4.32 -8.77
C ILE A 47 -12.70 5.61 -8.24
N ALA A 48 -12.71 5.77 -6.92
CA ALA A 48 -12.05 6.91 -6.26
C ALA A 48 -10.89 6.43 -5.40
N GLU A 49 -10.90 5.16 -5.05
CA GLU A 49 -9.84 4.59 -4.23
C GLU A 49 -9.82 3.09 -4.47
N ILE A 50 -8.62 2.57 -4.73
CA ILE A 50 -8.42 1.13 -4.85
C ILE A 50 -7.34 0.71 -3.87
N SER A 51 -7.58 -0.37 -3.15
CA SER A 51 -6.56 -0.96 -2.32
C SER A 51 -6.42 -2.44 -2.64
N LEU A 52 -5.17 -2.90 -2.70
CA LEU A 52 -4.86 -4.30 -2.94
C LEU A 52 -3.88 -4.80 -1.89
N PHE A 53 -4.18 -5.95 -1.29
CA PHE A 53 -3.25 -6.66 -0.40
C PHE A 53 -2.91 -7.97 -1.11
N ALA A 54 -1.65 -8.17 -1.43
CA ALA A 54 -1.23 -9.41 -2.10
C ALA A 54 -0.61 -10.38 -1.10
N VAL A 55 -1.18 -11.57 -1.03
CA VAL A 55 -0.78 -12.59 -0.08
C VAL A 55 -0.45 -13.89 -0.79
N HIS A 56 0.74 -14.43 -0.54
CA HIS A 56 1.11 -15.73 -1.11
C HIS A 56 0.27 -16.84 -0.50
N ARG A 57 -0.03 -17.84 -1.31
CA ARG A 57 -0.85 -18.95 -0.90
C ARG A 57 -0.38 -19.63 0.41
N SER A 58 0.92 -19.67 0.62
CA SER A 58 1.49 -20.36 1.78
C SER A 58 1.00 -19.69 3.06
N SER A 59 0.81 -18.38 3.02
CA SER A 59 0.35 -17.63 4.18
C SER A 59 -1.11 -17.92 4.49
N LEU A 60 -1.83 -18.47 3.51
CA LEU A 60 -3.25 -18.75 3.66
C LEU A 60 -3.50 -20.19 4.04
N GLU A 61 -2.63 -21.08 3.62
CA GLU A 61 -2.77 -22.51 3.91
C GLU A 61 -2.59 -22.79 5.39
N ASN A 62 -1.67 -22.07 6.03
CA ASN A 62 -1.51 -22.12 7.48
C ASN A 62 -1.42 -20.70 8.03
N PRO A 63 -2.58 -20.09 8.29
CA PRO A 63 -2.65 -18.70 8.75
C PRO A 63 -1.75 -18.43 9.94
N GLU A 64 -0.91 -17.40 9.83
CA GLU A 64 -0.07 -16.95 10.92
C GLU A 64 -0.94 -16.39 12.04
N ARG A 65 -0.61 -16.75 13.28
CA ARG A 65 -1.32 -16.25 14.46
C ARG A 65 -0.32 -15.81 15.51
N ASP A 66 -0.66 -14.76 16.27
CA ASP A 66 0.22 -14.28 17.33
C ASP A 66 0.20 -15.27 18.50
N ASP A 67 0.86 -14.91 19.60
CA ASP A 67 0.99 -15.85 20.70
C ASP A 67 -0.34 -16.02 21.43
N SER A 68 -1.25 -15.07 21.26
CA SER A 68 -2.57 -15.17 21.89
C SER A 68 -3.54 -16.03 21.06
N GLY A 69 -3.11 -16.41 19.85
CA GLY A 69 -3.93 -17.24 18.99
C GLY A 69 -4.79 -16.44 18.01
N SER A 70 -4.55 -15.13 17.94
CA SER A 70 -5.31 -14.25 17.06
C SER A 70 -4.63 -14.15 15.70
N LEU A 71 -5.44 -14.06 14.65
CA LEU A 71 -4.91 -13.86 13.31
C LEU A 71 -4.08 -12.59 13.23
N VAL A 72 -2.98 -12.65 12.50
CA VAL A 72 -2.21 -11.47 12.16
C VAL A 72 -2.11 -11.37 10.64
N LEU A 73 -1.88 -10.16 10.15
CA LEU A 73 -1.59 -9.98 8.74
C LEU A 73 -0.33 -10.77 8.41
N PRO A 74 -0.31 -11.46 7.26
CA PRO A 74 0.90 -12.13 6.77
C PRO A 74 2.10 -11.19 6.78
N ARG A 75 3.29 -11.66 7.15
CA ARG A 75 4.43 -10.76 7.24
C ARG A 75 4.85 -10.30 5.85
N VAL A 76 4.89 -11.23 4.92
CA VAL A 76 5.30 -10.93 3.56
C VAL A 76 4.06 -10.54 2.77
N LEU A 77 3.78 -9.24 2.77
CA LEU A 77 2.54 -8.73 2.22
C LEU A 77 2.83 -7.51 1.38
N ASP A 78 2.47 -7.57 0.11
CA ASP A 78 2.59 -6.43 -0.79
C ASP A 78 1.28 -5.66 -0.75
N LYS A 79 1.36 -4.34 -0.81
CA LYS A 79 0.19 -3.49 -0.66
C LYS A 79 0.25 -2.33 -1.62
N LEU A 80 -0.90 -2.01 -2.21
CA LEU A 80 -1.03 -0.83 -3.06
C LEU A 80 -2.35 -0.15 -2.78
N THR A 81 -2.30 1.13 -2.43
CA THR A 81 -3.50 1.95 -2.31
C THR A 81 -3.30 3.20 -3.13
N LEU A 82 -4.25 3.46 -4.03
CA LEU A 82 -4.25 4.65 -4.87
C LEU A 82 -5.59 5.36 -4.82
N CYS A 83 -5.55 6.67 -4.57
CA CYS A 83 -6.71 7.54 -4.67
C CYS A 83 -6.73 8.22 -6.04
N MET A 84 -7.93 8.45 -6.57
CA MET A 84 -8.04 9.04 -7.89
C MET A 84 -9.33 9.84 -8.02
N CYS A 85 -9.30 10.89 -8.82
CA CYS A 85 -10.44 11.79 -8.96
C CYS A 85 -11.37 11.30 -10.08
N PRO A 86 -12.62 10.98 -9.74
CA PRO A 86 -13.58 10.56 -10.77
C PRO A 86 -13.95 11.68 -11.74
N GLU A 87 -14.32 11.33 -12.97
CA GLU A 87 -14.71 12.30 -13.99
C GLU A 87 -16.05 12.95 -13.65
N ARG A 88 -16.93 12.17 -13.02
CA ARG A 88 -18.29 12.61 -12.71
C ARG A 88 -18.49 12.57 -11.20
N PRO A 89 -19.47 13.33 -10.70
CA PRO A 89 -19.62 13.53 -9.24
C PRO A 89 -19.91 12.28 -8.42
N PHE A 90 -19.54 12.34 -7.15
CA PHE A 90 -20.03 11.42 -6.14
C PHE A 90 -21.51 11.62 -5.92
N THR A 91 -22.23 10.57 -5.55
CA THR A 91 -23.54 10.76 -4.93
C THR A 91 -23.26 11.26 -3.51
N ALA A 92 -24.25 11.87 -2.86
CA ALA A 92 -24.03 12.41 -1.53
C ALA A 92 -23.71 11.29 -0.55
N LYS A 93 -24.44 10.19 -0.67
CA LYS A 93 -24.25 9.03 0.20
C LYS A 93 -22.84 8.46 0.05
N ALA A 94 -22.34 8.37 -1.18
CA ALA A 94 -21.02 7.80 -1.42
C ALA A 94 -19.93 8.69 -0.80
N SER A 95 -20.06 10.00 -0.98
CA SER A 95 -19.10 10.93 -0.44
C SER A 95 -19.08 10.83 1.09
N GLU A 96 -20.27 10.71 1.66
CA GLU A 96 -20.47 10.58 3.10
C GLU A 96 -19.76 9.35 3.66
N ILE A 97 -20.06 8.17 3.12
CA ILE A 97 -19.52 6.95 3.71
C ILE A 97 -18.02 6.79 3.40
N THR A 98 -17.54 7.32 2.27
CA THR A 98 -16.13 7.16 1.93
C THR A 98 -15.22 8.25 2.50
N GLY A 99 -15.79 9.42 2.82
CA GLY A 99 -14.99 10.53 3.30
C GLY A 99 -14.22 11.20 2.17
N LEU A 100 -14.62 10.86 0.94
CA LEU A 100 -13.98 11.37 -0.27
C LEU A 100 -14.92 12.27 -1.05
N SER A 101 -14.34 13.24 -1.76
CA SER A 101 -15.11 14.09 -2.67
C SER A 101 -14.22 14.44 -3.85
N SER A 102 -14.83 14.91 -4.94
CA SER A 102 -14.08 15.29 -6.12
C SER A 102 -13.15 16.45 -5.79
N GLU A 103 -13.63 17.37 -4.96
CA GLU A 103 -12.83 18.53 -4.59
C GLU A 103 -11.61 18.13 -3.76
N SER A 104 -11.81 17.21 -2.80
CA SER A 104 -10.71 16.82 -1.93
C SER A 104 -9.65 16.05 -2.72
N LEU A 105 -10.10 15.22 -3.66
CA LEU A 105 -9.16 14.45 -4.48
C LEU A 105 -8.38 15.38 -5.41
N MET A 106 -9.07 16.33 -6.02
CA MET A 106 -8.41 17.33 -6.86
C MET A 106 -7.42 18.16 -6.05
N HIS A 107 -7.86 18.58 -4.87
CA HIS A 107 -7.04 19.39 -3.98
C HIS A 107 -5.75 18.67 -3.61
N CYS A 108 -5.81 17.34 -3.50
CA CYS A 108 -4.64 16.55 -3.17
C CYS A 108 -3.89 16.09 -4.43
N GLY A 109 -4.27 16.65 -5.57
CA GLY A 109 -3.52 16.50 -6.81
C GLY A 109 -3.64 15.14 -7.47
N LYS A 110 -4.79 14.51 -7.30
CA LYS A 110 -5.01 13.16 -7.85
C LYS A 110 -5.74 13.19 -9.18
N ALA A 111 -5.07 12.69 -10.22
CA ALA A 111 -5.70 12.54 -11.53
C ALA A 111 -6.73 11.41 -11.52
N GLY A 112 -7.41 11.20 -12.64
CA GLY A 112 -8.38 10.13 -12.74
C GLY A 112 -7.72 8.76 -12.94
N PHE A 113 -8.54 7.74 -13.15
CA PHE A 113 -8.04 6.43 -13.50
C PHE A 113 -7.35 6.55 -14.85
N ASN A 114 -6.02 6.50 -14.85
CA ASN A 114 -5.26 6.76 -16.06
C ASN A 114 -4.13 5.76 -16.28
N GLY A 115 -3.30 6.02 -17.28
CA GLY A 115 -2.18 5.16 -17.60
C GLY A 115 -1.27 4.91 -16.42
N ALA A 116 -1.06 5.92 -15.59
CA ALA A 116 -0.23 5.78 -14.40
C ALA A 116 -0.81 4.77 -13.43
N VAL A 117 -2.13 4.77 -13.25
CA VAL A 117 -2.78 3.76 -12.41
C VAL A 117 -2.54 2.37 -13.01
N VAL A 118 -2.78 2.27 -14.30
CA VAL A 118 -2.58 1.02 -15.03
C VAL A 118 -1.16 0.48 -14.87
N ARG A 119 -0.16 1.34 -15.11
CA ARG A 119 1.23 0.92 -15.03
C ARG A 119 1.59 0.52 -13.61
N THR A 120 1.10 1.28 -12.63
CA THR A 120 1.37 0.94 -11.25
C THR A 120 0.75 -0.41 -10.89
N LEU A 121 -0.51 -0.59 -11.30
CA LEU A 121 -1.22 -1.83 -11.03
C LEU A 121 -0.55 -3.01 -11.72
N GLN A 122 -0.15 -2.82 -12.97
CA GLN A 122 0.44 -3.92 -13.72
C GLN A 122 1.80 -4.30 -13.14
N GLY A 123 2.57 -3.30 -12.72
CA GLY A 123 3.84 -3.56 -12.06
C GLY A 123 3.63 -4.32 -10.77
N PHE A 124 2.65 -3.87 -9.99
CA PHE A 124 2.32 -4.50 -8.72
C PHE A 124 1.94 -5.97 -8.88
N LEU A 125 1.08 -6.25 -9.86
CA LEU A 125 0.69 -7.64 -10.11
C LEU A 125 1.86 -8.47 -10.61
N SER A 126 2.73 -7.86 -11.41
CA SER A 126 3.87 -8.59 -11.94
C SER A 126 4.86 -8.93 -10.81
N ARG A 127 4.76 -8.25 -9.67
CA ARG A 127 5.59 -8.59 -8.51
C ARG A 127 5.08 -9.84 -7.77
N GLN A 128 3.91 -10.34 -8.16
CA GLN A 128 3.34 -11.50 -7.49
C GLN A 128 3.63 -12.78 -8.26
N GLU A 129 3.93 -13.85 -7.53
CA GLU A 129 4.03 -15.17 -8.13
C GLU A 129 2.65 -15.59 -8.62
N GLY A 130 2.54 -15.85 -9.91
CA GLY A 130 1.27 -16.23 -10.52
C GLY A 130 1.05 -17.73 -10.55
N PRO A 131 -0.16 -18.15 -10.97
CA PRO A 131 -1.26 -17.26 -11.35
C PRO A 131 -1.85 -16.53 -10.15
N ILE A 132 -2.49 -15.40 -10.43
CA ILE A 132 -3.10 -14.56 -9.42
C ILE A 132 -4.59 -14.84 -9.32
N CYS A 133 -5.09 -14.93 -8.09
CA CYS A 133 -6.53 -14.94 -7.83
C CYS A 133 -6.94 -13.64 -7.14
N LEU A 134 -7.69 -12.79 -7.84
CA LEU A 134 -8.27 -11.61 -7.23
C LEU A 134 -9.42 -11.99 -6.30
N VAL A 135 -9.52 -11.32 -5.16
CA VAL A 135 -10.56 -11.60 -4.18
C VAL A 135 -11.26 -10.31 -3.79
N ALA A 136 -12.58 -10.29 -3.91
CA ALA A 136 -13.37 -9.12 -3.53
C ALA A 136 -14.75 -9.53 -3.08
N HIS A 137 -15.29 -8.83 -2.09
CA HIS A 137 -16.58 -9.18 -1.54
C HIS A 137 -17.71 -8.60 -2.38
N ASN A 138 -18.52 -9.49 -2.93
CA ASN A 138 -19.51 -9.15 -3.96
C ASN A 138 -18.81 -8.69 -5.23
N GLY A 139 -17.58 -9.17 -5.41
CA GLY A 139 -16.77 -8.82 -6.57
C GLY A 139 -17.40 -9.11 -7.91
N PHE A 140 -18.14 -10.20 -8.02
CA PHE A 140 -18.78 -10.55 -9.28
C PHE A 140 -19.80 -9.50 -9.71
N ASP A 141 -20.41 -8.82 -8.74
CA ASP A 141 -21.45 -7.84 -9.02
C ASP A 141 -20.98 -6.39 -8.92
N TYR A 142 -19.81 -6.15 -8.32
CA TYR A 142 -19.35 -4.78 -8.13
C TYR A 142 -17.90 -4.57 -8.56
N ASP A 143 -16.94 -4.92 -7.70
CA ASP A 143 -15.52 -4.58 -7.94
C ASP A 143 -14.96 -5.09 -9.27
N PHE A 144 -15.25 -6.34 -9.64
CA PHE A 144 -14.63 -6.87 -10.84
C PHE A 144 -15.21 -6.21 -12.10
N PRO A 145 -16.54 -6.12 -12.24
CA PRO A 145 -17.05 -5.38 -13.42
C PRO A 145 -16.66 -3.91 -13.46
N LEU A 146 -16.57 -3.25 -12.30
CA LEU A 146 -16.16 -1.85 -12.27
C LEU A 146 -14.69 -1.68 -12.66
N LEU A 147 -13.82 -2.52 -12.12
CA LEU A 147 -12.41 -2.48 -12.47
C LEU A 147 -12.24 -2.80 -13.96
N CYS A 148 -13.04 -3.75 -14.44
CA CYS A 148 -13.01 -4.13 -15.85
C CYS A 148 -13.36 -2.95 -16.75
N THR A 149 -14.41 -2.22 -16.39
CA THR A 149 -14.79 -1.01 -17.11
C THR A 149 -13.65 0.01 -17.15
N GLU A 150 -13.02 0.27 -16.01
CA GLU A 150 -11.97 1.30 -15.95
C GLU A 150 -10.73 0.88 -16.72
N LEU A 151 -10.37 -0.40 -16.65
CA LEU A 151 -9.23 -0.92 -17.41
C LEU A 151 -9.54 -0.91 -18.91
N GLN A 152 -10.75 -1.32 -19.26
CA GLN A 152 -11.17 -1.38 -20.65
C GLN A 152 -11.08 -0.02 -21.33
N ARG A 153 -11.49 1.01 -20.61
CA ARG A 153 -11.46 2.37 -21.14
C ARG A 153 -10.06 2.77 -21.59
N LEU A 154 -9.05 2.14 -20.99
CA LEU A 154 -7.66 2.43 -21.32
C LEU A 154 -7.03 1.33 -22.16
N GLY A 155 -7.82 0.32 -22.51
CA GLY A 155 -7.33 -0.78 -23.31
C GLY A 155 -6.32 -1.63 -22.55
N ALA A 156 -6.45 -1.65 -21.22
CA ALA A 156 -5.48 -2.34 -20.38
C ALA A 156 -5.94 -3.77 -20.06
N HIS A 157 -4.97 -4.66 -19.88
CA HIS A 157 -5.26 -6.06 -19.59
C HIS A 157 -4.50 -6.55 -18.37
N LEU A 158 -5.07 -7.57 -17.72
CA LEU A 158 -4.40 -8.27 -16.65
C LEU A 158 -3.82 -9.55 -17.23
N PRO A 159 -2.92 -10.22 -16.49
CA PRO A 159 -2.38 -11.50 -16.99
C PRO A 159 -3.48 -12.50 -17.33
N GLN A 160 -3.28 -13.26 -18.41
CA GLN A 160 -4.31 -14.14 -18.96
C GLN A 160 -4.76 -15.26 -18.02
N ASP A 161 -3.91 -15.67 -17.09
CA ASP A 161 -4.27 -16.76 -16.19
C ASP A 161 -4.82 -16.21 -14.87
N THR A 162 -5.12 -14.92 -14.84
CA THR A 162 -5.71 -14.32 -13.65
C THR A 162 -7.13 -14.87 -13.46
N VAL A 163 -7.45 -15.26 -12.23
CA VAL A 163 -8.79 -15.71 -11.90
C VAL A 163 -9.39 -14.86 -10.77
N CYS A 164 -10.65 -15.10 -10.48
CA CYS A 164 -11.43 -14.23 -9.59
C CYS A 164 -12.27 -15.03 -8.62
N LEU A 165 -12.18 -14.66 -7.35
CA LEU A 165 -12.98 -15.25 -6.29
C LEU A 165 -13.84 -14.18 -5.62
N ASP A 166 -15.14 -14.44 -5.54
CA ASP A 166 -16.08 -13.60 -4.83
C ASP A 166 -16.45 -14.28 -3.52
N THR A 167 -16.06 -13.67 -2.40
CA THR A 167 -16.23 -14.32 -1.12
C THR A 167 -17.70 -14.41 -0.71
N LEU A 168 -18.56 -13.64 -1.38
CA LEU A 168 -19.99 -13.67 -1.02
C LEU A 168 -20.67 -15.01 -1.43
N PRO A 169 -20.70 -15.33 -2.73
CA PRO A 169 -21.27 -16.66 -3.04
C PRO A 169 -20.40 -17.80 -2.52
N ALA A 170 -19.11 -17.57 -2.32
CA ALA A 170 -18.24 -18.64 -1.83
C ALA A 170 -18.63 -19.03 -0.40
N LEU A 171 -18.73 -18.04 0.48
CA LEU A 171 -19.10 -18.32 1.86
C LEU A 171 -20.53 -18.86 1.97
N ARG A 172 -21.45 -18.32 1.17
CA ARG A 172 -22.81 -18.83 1.12
C ARG A 172 -22.83 -20.31 0.71
N GLY A 173 -22.04 -20.66 -0.32
CA GLY A 173 -22.02 -22.03 -0.81
C GLY A 173 -21.34 -22.99 0.15
N LEU A 174 -20.29 -22.53 0.81
CA LEU A 174 -19.61 -23.32 1.82
C LEU A 174 -20.53 -23.59 3.01
N ASP A 175 -21.30 -22.59 3.41
CA ASP A 175 -22.25 -22.75 4.51
C ASP A 175 -23.37 -23.70 4.13
N ARG A 176 -23.86 -23.57 2.89
CA ARG A 176 -24.91 -24.46 2.39
C ARG A 176 -24.41 -25.91 2.35
N ALA A 177 -23.12 -26.09 2.09
CA ALA A 177 -22.54 -27.42 2.00
C ALA A 177 -22.72 -28.21 3.29
N HIS A 178 -22.83 -27.51 4.42
CA HIS A 178 -23.24 -28.13 5.69
C HIS A 178 -24.48 -27.45 6.25
N SER A 179 -25.61 -27.70 5.60
CA SER A 179 -26.92 -27.28 6.10
C SER A 179 -27.92 -28.39 5.88
N HIS A 180 -28.50 -28.90 6.97
CA HIS A 180 -29.40 -30.04 6.92
C HIS A 180 -30.80 -29.65 7.40
N ARG A 187 -32.54 -16.47 7.39
CA ARG A 187 -31.87 -15.55 6.48
C ARG A 187 -30.68 -14.89 7.18
N LYS A 188 -29.50 -15.49 7.00
CA LYS A 188 -28.28 -14.97 7.60
C LYS A 188 -27.66 -13.94 6.67
N SER A 189 -27.14 -12.85 7.23
CA SER A 189 -26.52 -11.79 6.42
C SER A 189 -25.09 -12.16 6.03
N TYR A 190 -24.74 -11.91 4.76
CA TYR A 190 -23.39 -12.14 4.29
C TYR A 190 -22.72 -10.83 3.87
N SER A 191 -23.19 -9.72 4.43
CA SER A 191 -22.49 -8.46 4.24
C SER A 191 -21.11 -8.59 4.89
N LEU A 192 -20.17 -7.77 4.45
CA LEU A 192 -18.84 -7.78 5.02
C LEU A 192 -18.89 -7.57 6.54
N ALA A 193 -19.68 -6.58 6.96
CA ALA A 193 -19.77 -6.22 8.38
C ALA A 193 -20.38 -7.33 9.23
N SER A 194 -21.43 -7.98 8.71
CA SER A 194 -22.08 -9.05 9.45
C SER A 194 -21.16 -10.26 9.58
N LEU A 195 -20.41 -10.55 8.53
CA LEU A 195 -19.46 -11.66 8.53
C LEU A 195 -18.35 -11.43 9.54
N PHE A 196 -17.80 -10.22 9.57
CA PHE A 196 -16.75 -9.91 10.54
C PHE A 196 -17.29 -10.03 11.96
N HIS A 197 -18.50 -9.53 12.17
CA HIS A 197 -19.12 -9.60 13.48
C HIS A 197 -19.35 -11.05 13.90
N ARG A 198 -19.81 -11.87 12.95
CA ARG A 198 -20.12 -13.27 13.23
C ARG A 198 -18.90 -14.11 13.53
N TYR A 199 -17.79 -13.81 12.86
CA TYR A 199 -16.59 -14.62 12.96
C TYR A 199 -15.67 -14.18 14.09
N PHE A 200 -15.65 -12.87 14.37
CA PHE A 200 -14.70 -12.32 15.33
C PHE A 200 -15.38 -11.71 16.55
N GLN A 201 -16.71 -11.67 16.54
CA GLN A 201 -17.49 -11.13 17.65
C GLN A 201 -16.96 -9.77 18.10
N ALA A 202 -16.79 -8.89 17.13
CA ALA A 202 -16.34 -7.52 17.37
C ALA A 202 -16.56 -6.74 16.08
N GLU A 203 -16.54 -5.42 16.16
CA GLU A 203 -16.72 -4.60 14.98
C GLU A 203 -15.37 -4.28 14.34
N PRO A 204 -15.34 -4.19 13.01
CA PRO A 204 -14.09 -3.83 12.32
C PRO A 204 -13.81 -2.34 12.42
N SER A 205 -12.74 -1.88 11.79
CA SER A 205 -12.35 -0.47 11.84
C SER A 205 -12.17 0.10 10.43
N ALA A 206 -12.40 1.39 10.30
CA ALA A 206 -12.23 2.11 9.04
C ALA A 206 -13.12 1.56 7.93
N ALA A 207 -14.43 1.54 8.19
CA ALA A 207 -15.38 1.07 7.18
C ALA A 207 -15.46 2.05 6.02
N HIS A 208 -15.47 1.51 4.81
CA HIS A 208 -15.53 2.27 3.57
C HIS A 208 -14.29 3.12 3.30
N SER A 209 -13.20 2.78 4.00
CA SER A 209 -11.85 3.05 3.52
C SER A 209 -11.43 1.79 2.80
N ALA A 210 -10.87 1.94 1.60
CA ALA A 210 -10.56 0.77 0.79
C ALA A 210 -9.61 -0.12 1.57
N GLU A 211 -8.60 0.48 2.18
CA GLU A 211 -7.59 -0.31 2.87
C GLU A 211 -8.18 -1.00 4.10
N GLY A 212 -9.04 -0.29 4.82
CA GLY A 212 -9.75 -0.84 5.95
C GLY A 212 -10.59 -2.06 5.59
N ASP A 213 -11.30 -1.96 4.47
CA ASP A 213 -12.23 -3.03 4.09
C ASP A 213 -11.51 -4.20 3.41
N VAL A 214 -10.33 -3.96 2.83
CA VAL A 214 -9.51 -5.08 2.35
C VAL A 214 -8.99 -5.85 3.55
N HIS A 215 -8.60 -5.11 4.58
CA HIS A 215 -8.09 -5.69 5.81
C HIS A 215 -9.16 -6.58 6.46
N THR A 216 -10.38 -6.07 6.49
CA THR A 216 -11.51 -6.81 7.05
C THR A 216 -11.79 -8.06 6.22
N LEU A 217 -11.74 -7.92 4.91
CA LEU A 217 -11.94 -9.04 3.99
C LEU A 217 -10.89 -10.14 4.18
N LEU A 218 -9.62 -9.73 4.29
CA LEU A 218 -8.53 -10.67 4.47
C LEU A 218 -8.67 -11.47 5.75
N LEU A 219 -9.10 -10.79 6.82
CA LEU A 219 -9.31 -11.47 8.10
C LEU A 219 -10.45 -12.48 7.98
N ILE A 220 -11.52 -12.09 7.31
CA ILE A 220 -12.63 -12.99 7.07
C ILE A 220 -12.16 -14.21 6.28
N PHE A 221 -11.38 -13.97 5.22
CA PHE A 221 -10.84 -15.08 4.41
C PHE A 221 -9.97 -16.01 5.24
N LEU A 222 -9.09 -15.44 6.06
CA LEU A 222 -8.17 -16.23 6.86
C LEU A 222 -8.92 -17.13 7.82
N HIS A 223 -10.06 -16.63 8.30
CA HIS A 223 -10.89 -17.40 9.24
C HIS A 223 -11.38 -18.71 8.63
N ARG A 224 -11.58 -18.72 7.32
CA ARG A 224 -12.08 -19.91 6.60
C ARG A 224 -11.13 -20.27 5.45
N ALA A 225 -9.84 -20.10 5.65
CA ALA A 225 -8.86 -20.15 4.56
C ALA A 225 -8.84 -21.49 3.80
N PRO A 226 -8.74 -22.63 4.50
CA PRO A 226 -8.68 -23.88 3.74
C PRO A 226 -9.91 -24.11 2.86
N GLU A 227 -11.10 -23.85 3.41
CA GLU A 227 -12.34 -23.92 2.65
C GLU A 227 -12.33 -23.00 1.44
N LEU A 228 -11.95 -21.74 1.65
CA LEU A 228 -12.00 -20.76 0.58
C LEU A 228 -10.94 -21.03 -0.48
N LEU A 229 -9.77 -21.53 -0.07
CA LEU A 229 -8.76 -21.95 -1.04
C LEU A 229 -9.30 -23.06 -1.95
N ALA A 230 -9.91 -24.05 -1.32
CA ALA A 230 -10.51 -25.17 -2.05
C ALA A 230 -11.57 -24.65 -3.02
N TRP A 231 -12.37 -23.70 -2.57
CA TRP A 231 -13.41 -23.12 -3.42
C TRP A 231 -12.79 -22.40 -4.60
N ALA A 232 -11.76 -21.60 -4.33
CA ALA A 232 -11.08 -20.87 -5.39
C ALA A 232 -10.51 -21.85 -6.42
N ASP A 233 -9.82 -22.87 -5.93
CA ASP A 233 -9.16 -23.83 -6.81
C ASP A 233 -10.14 -24.52 -7.75
N GLU A 234 -11.39 -24.65 -7.31
CA GLU A 234 -12.41 -25.34 -8.08
C GLU A 234 -13.30 -24.41 -8.90
N GLN A 235 -13.54 -23.19 -8.42
CA GLN A 235 -14.60 -22.34 -8.98
C GLN A 235 -14.24 -20.89 -9.28
N ALA A 236 -13.00 -20.48 -9.02
CA ALA A 236 -12.62 -19.12 -9.37
C ALA A 236 -12.84 -18.89 -10.86
N ARG A 237 -13.38 -17.73 -11.21
CA ARG A 237 -13.70 -17.42 -12.61
C ARG A 237 -12.55 -16.72 -13.29
N SER A 238 -12.35 -17.01 -14.56
CA SER A 238 -11.30 -16.36 -15.34
C SER A 238 -11.59 -14.86 -15.43
N TRP A 239 -10.57 -14.04 -15.20
CA TRP A 239 -10.71 -12.60 -15.36
C TRP A 239 -11.23 -12.25 -16.75
N ALA A 240 -10.86 -13.06 -17.73
CA ALA A 240 -11.25 -12.81 -19.11
C ALA A 240 -12.76 -12.90 -19.31
N HIS A 241 -13.45 -13.58 -18.41
CA HIS A 241 -14.90 -13.73 -18.50
C HIS A 241 -15.64 -12.56 -17.86
N ILE A 242 -14.91 -11.75 -17.10
CA ILE A 242 -15.53 -10.60 -16.46
C ILE A 242 -15.90 -9.57 -17.52
N GLU A 243 -17.16 -9.13 -17.48
CA GLU A 243 -17.65 -8.13 -18.40
C GLU A 243 -17.74 -6.76 -17.72
N PRO A 244 -17.56 -5.68 -18.49
CA PRO A 244 -17.61 -4.32 -17.92
C PRO A 244 -18.96 -4.00 -17.30
N MET A 245 -18.95 -3.29 -16.18
CA MET A 245 -20.20 -2.89 -15.54
C MET A 245 -21.02 -2.02 -16.50
N TYR A 246 -20.33 -1.08 -17.14
CA TYR A 246 -20.94 -0.25 -18.15
C TYR A 246 -19.88 0.12 -19.19
N VAL A 247 -20.33 0.62 -20.34
CA VAL A 247 -19.40 1.04 -21.39
C VAL A 247 -18.97 2.46 -21.11
N PRO A 248 -17.65 2.68 -20.95
CA PRO A 248 -17.18 4.01 -20.56
C PRO A 248 -17.27 5.03 -21.70
N PRO A 249 -17.73 6.26 -21.41
CA PRO A 249 -17.81 7.27 -22.47
C PRO A 249 -16.43 7.68 -22.96
N ASP A 250 -16.38 8.31 -24.12
CA ASP A 250 -15.12 8.71 -24.73
C ASP A 250 -14.83 10.17 -24.45
N GLY A 251 -13.56 10.55 -24.52
CA GLY A 251 -13.13 11.93 -24.37
C GLY A 251 -12.23 12.35 -25.51
N PRO B 25 9.02 25.01 -7.80
CA PRO B 25 10.23 24.48 -7.17
C PRO B 25 9.98 23.90 -5.78
N ARG B 26 8.91 24.36 -5.12
CA ARG B 26 8.53 23.80 -3.83
C ARG B 26 7.79 22.50 -4.09
N ALA B 27 7.97 21.52 -3.21
CA ALA B 27 7.39 20.20 -3.41
C ALA B 27 5.88 20.24 -3.14
N GLU B 28 5.12 19.50 -3.95
CA GLU B 28 3.67 19.43 -3.76
C GLU B 28 3.22 18.13 -3.10
N THR B 29 4.00 17.07 -3.25
CA THR B 29 3.72 15.82 -2.58
C THR B 29 4.94 15.36 -1.83
N PHE B 30 4.73 14.95 -0.58
CA PHE B 30 5.78 14.38 0.24
C PHE B 30 5.58 12.87 0.35
N VAL B 31 6.60 12.13 -0.04
CA VAL B 31 6.53 10.67 -0.05
C VAL B 31 7.43 10.15 1.06
N PHE B 32 6.78 9.70 2.12
CA PHE B 32 7.47 9.19 3.27
C PHE B 32 7.86 7.77 3.00
N LEU B 33 9.11 7.45 3.27
CA LEU B 33 9.56 6.12 2.95
C LEU B 33 10.46 5.54 4.01
N ASP B 34 10.44 4.22 4.03
CA ASP B 34 11.23 3.45 4.95
C ASP B 34 11.64 2.18 4.26
N LEU B 35 12.89 1.80 4.47
CA LEU B 35 13.44 0.56 3.94
C LEU B 35 13.76 -0.41 5.06
N GLU B 36 13.29 -1.65 4.93
CA GLU B 36 13.88 -2.73 5.72
C GLU B 36 14.90 -3.40 4.82
N ALA B 37 16.03 -3.80 5.39
CA ALA B 37 17.15 -4.29 4.60
C ALA B 37 17.94 -5.36 5.34
N THR B 38 18.98 -5.87 4.68
CA THR B 38 19.74 -7.00 5.19
C THR B 38 20.79 -6.62 6.24
N GLY B 39 21.00 -5.33 6.46
CA GLY B 39 21.90 -4.89 7.51
C GLY B 39 22.25 -3.41 7.44
N LEU B 40 23.33 -3.03 8.12
CA LEU B 40 23.79 -1.65 8.14
C LEU B 40 24.81 -1.46 7.02
N PRO B 41 25.15 -0.19 6.69
CA PRO B 41 25.96 0.09 5.49
C PRO B 41 27.29 -0.66 5.40
N ASN B 42 27.82 -1.09 6.53
CA ASN B 42 29.11 -1.77 6.52
C ASN B 42 29.12 -3.09 5.75
N MET B 43 27.95 -3.66 5.49
CA MET B 43 27.91 -4.96 4.81
C MET B 43 27.20 -4.89 3.45
N ASP B 44 27.15 -3.68 2.87
CA ASP B 44 26.52 -3.46 1.58
C ASP B 44 25.10 -4.03 1.57
N PRO B 45 24.20 -3.44 2.37
CA PRO B 45 22.87 -4.02 2.55
C PRO B 45 22.02 -3.99 1.29
N GLU B 46 20.97 -4.80 1.27
CA GLU B 46 19.98 -4.79 0.20
C GLU B 46 18.60 -4.59 0.76
N ILE B 47 17.75 -3.97 -0.03
CA ILE B 47 16.37 -3.75 0.35
C ILE B 47 15.63 -5.07 0.36
N ALA B 48 14.89 -5.31 1.44
CA ALA B 48 14.02 -6.47 1.56
C ALA B 48 12.58 -6.05 1.59
N GLU B 49 12.35 -4.81 2.03
CA GLU B 49 11.01 -4.25 2.03
C GLU B 49 11.07 -2.74 1.90
N ILE B 50 10.20 -2.20 1.06
CA ILE B 50 10.10 -0.77 0.87
C ILE B 50 8.65 -0.39 1.09
N SER B 51 8.45 0.64 1.90
CA SER B 51 7.12 1.19 2.08
C SER B 51 7.14 2.69 1.84
N LEU B 52 6.13 3.15 1.10
CA LEU B 52 5.96 4.55 0.80
C LEU B 52 4.54 5.00 1.15
N PHE B 53 4.43 6.09 1.92
CA PHE B 53 3.16 6.80 2.09
C PHE B 53 3.27 8.14 1.36
N ALA B 54 2.43 8.38 0.37
CA ALA B 54 2.43 9.66 -0.34
C ALA B 54 1.34 10.57 0.21
N VAL B 55 1.74 11.79 0.58
CA VAL B 55 0.82 12.74 1.20
C VAL B 55 0.95 14.07 0.49
N HIS B 56 -0.16 14.62 0.03
CA HIS B 56 -0.12 15.91 -0.62
C HIS B 56 0.20 16.99 0.42
N ARG B 57 0.93 18.00 -0.01
CA ARG B 57 1.30 19.13 0.83
C ARG B 57 0.12 19.75 1.59
N SER B 58 -1.03 19.84 0.93
CA SER B 58 -2.19 20.47 1.55
C SER B 58 -2.63 19.70 2.79
N SER B 59 -2.42 18.39 2.80
CA SER B 59 -2.79 17.56 3.94
C SER B 59 -1.86 17.82 5.10
N LEU B 60 -0.58 18.03 4.77
CA LEU B 60 0.43 18.32 5.77
C LEU B 60 0.25 19.72 6.32
N GLU B 61 -0.27 20.63 5.49
CA GLU B 61 -0.51 22.01 5.93
C GLU B 61 -1.75 22.10 6.79
N ASN B 62 -2.55 21.03 6.81
CA ASN B 62 -3.79 21.05 7.54
C ASN B 62 -4.03 19.77 8.33
N PRO B 63 -3.13 19.48 9.30
CA PRO B 63 -3.31 18.29 10.13
C PRO B 63 -4.62 18.38 10.92
N GLU B 64 -5.36 17.28 10.97
CA GLU B 64 -6.58 17.22 11.76
C GLU B 64 -6.35 16.34 12.98
N ARG B 65 -7.09 16.62 14.05
CA ARG B 65 -7.01 15.87 15.30
C ARG B 65 -8.39 15.40 15.74
N ASP B 66 -8.44 14.33 16.53
CA ASP B 66 -9.72 13.78 16.99
C ASP B 66 -10.19 14.49 18.26
N ASP B 67 -11.32 14.05 18.82
CA ASP B 67 -11.91 14.78 19.93
C ASP B 67 -11.01 14.73 21.16
N SER B 68 -10.01 13.87 21.11
CA SER B 68 -9.03 13.75 22.18
C SER B 68 -7.83 14.69 21.97
N GLY B 69 -7.70 15.25 20.77
CA GLY B 69 -6.59 16.12 20.43
C GLY B 69 -5.43 15.38 19.77
N SER B 70 -5.64 14.09 19.47
CA SER B 70 -4.60 13.29 18.84
C SER B 70 -4.69 13.37 17.33
N LEU B 71 -3.53 13.37 16.67
CA LEU B 71 -3.46 13.43 15.22
C LEU B 71 -4.20 12.27 14.56
N VAL B 72 -4.87 12.57 13.46
CA VAL B 72 -5.43 11.55 12.59
C VAL B 72 -4.72 11.66 11.23
N LEU B 73 -4.50 10.52 10.58
CA LEU B 73 -3.81 10.54 9.30
C LEU B 73 -4.68 11.18 8.22
N PRO B 74 -4.04 11.75 7.18
CA PRO B 74 -4.78 12.30 6.03
C PRO B 74 -5.68 11.24 5.41
N ARG B 75 -6.88 11.64 5.00
CA ARG B 75 -7.79 10.71 4.33
C ARG B 75 -7.23 10.25 2.99
N VAL B 76 -6.75 11.19 2.18
CA VAL B 76 -6.26 10.90 0.85
C VAL B 76 -4.78 10.51 0.93
N LEU B 77 -4.54 9.21 0.92
CA LEU B 77 -3.22 8.66 1.23
C LEU B 77 -2.87 7.53 0.27
N ASP B 78 -1.94 7.76 -0.67
CA ASP B 78 -1.46 6.68 -1.53
C ASP B 78 -0.37 5.89 -0.79
N LYS B 79 -0.39 4.57 -0.92
CA LYS B 79 0.57 3.70 -0.25
C LYS B 79 1.11 2.64 -1.20
N LEU B 80 2.39 2.34 -1.06
CA LEU B 80 2.99 1.20 -1.74
C LEU B 80 3.90 0.48 -0.77
N THR B 81 3.70 -0.84 -0.65
CA THR B 81 4.61 -1.70 0.08
C THR B 81 4.98 -2.88 -0.80
N LEU B 82 6.27 -3.08 -1.01
CA LEU B 82 6.77 -4.22 -1.75
C LEU B 82 7.88 -4.93 -0.97
N CYS B 83 7.74 -6.27 -0.90
CA CYS B 83 8.77 -7.13 -0.34
C CYS B 83 9.60 -7.74 -1.46
N MET B 84 10.89 -7.97 -1.20
CA MET B 84 11.76 -8.52 -2.22
C MET B 84 12.92 -9.31 -1.63
N CYS B 85 13.31 -10.38 -2.32
CA CYS B 85 14.36 -11.24 -1.83
C CYS B 85 15.74 -10.66 -2.18
N PRO B 86 16.57 -10.38 -1.17
CA PRO B 86 17.92 -9.93 -1.49
C PRO B 86 18.79 -11.03 -2.12
N GLU B 87 19.83 -10.65 -2.87
CA GLU B 87 20.75 -11.63 -3.45
C GLU B 87 21.71 -12.21 -2.42
N ARG B 88 22.11 -11.36 -1.47
CA ARG B 88 23.08 -11.77 -0.45
C ARG B 88 22.37 -11.91 0.88
N PRO B 89 22.98 -12.61 1.84
CA PRO B 89 22.20 -12.95 3.03
C PRO B 89 21.91 -11.78 3.96
N PHE B 90 20.84 -11.93 4.73
CA PHE B 90 20.56 -11.10 5.89
C PHE B 90 21.64 -11.30 6.93
N THR B 91 21.94 -10.27 7.72
CA THR B 91 22.61 -10.51 9.00
C THR B 91 21.57 -11.13 9.94
N ALA B 92 22.04 -11.81 10.97
CA ALA B 92 21.13 -12.44 11.92
C ALA B 92 20.27 -11.37 12.59
N LYS B 93 20.88 -10.24 12.94
CA LYS B 93 20.17 -9.17 13.63
C LYS B 93 19.13 -8.53 12.74
N ALA B 94 19.49 -8.28 11.48
CA ALA B 94 18.57 -7.67 10.54
C ALA B 94 17.36 -8.57 10.31
N SER B 95 17.59 -9.87 10.25
CA SER B 95 16.51 -10.81 10.04
C SER B 95 15.60 -10.83 11.28
N GLU B 96 16.21 -10.78 12.46
CA GLU B 96 15.49 -10.74 13.71
C GLU B 96 14.61 -9.49 13.85
N ILE B 97 15.17 -8.31 13.59
CA ILE B 97 14.40 -7.09 13.82
C ILE B 97 13.33 -6.89 12.74
N THR B 98 13.58 -7.34 11.52
CA THR B 98 12.60 -7.18 10.44
C THR B 98 11.56 -8.29 10.38
N GLY B 99 11.89 -9.46 10.90
CA GLY B 99 11.00 -10.61 10.82
C GLY B 99 11.00 -11.21 9.42
N LEU B 100 11.99 -10.82 8.63
CA LEU B 100 12.13 -11.29 7.25
C LEU B 100 13.36 -12.15 7.10
N SER B 101 13.33 -13.07 6.15
CA SER B 101 14.48 -13.88 5.81
C SER B 101 14.47 -14.17 4.32
N SER B 102 15.63 -14.53 3.78
CA SER B 102 15.74 -14.92 2.38
C SER B 102 14.78 -16.05 2.05
N GLU B 103 14.74 -17.05 2.93
CA GLU B 103 13.85 -18.19 2.76
C GLU B 103 12.37 -17.80 2.73
N SER B 104 11.96 -16.93 3.66
CA SER B 104 10.54 -16.56 3.75
C SER B 104 10.12 -15.72 2.56
N LEU B 105 10.97 -14.78 2.13
CA LEU B 105 10.69 -14.00 0.94
C LEU B 105 10.63 -14.87 -0.33
N MET B 106 11.58 -15.77 -0.48
CA MET B 106 11.58 -16.62 -1.66
C MET B 106 10.36 -17.55 -1.61
N HIS B 107 10.06 -18.07 -0.42
CA HIS B 107 8.92 -18.96 -0.22
C HIS B 107 7.58 -18.28 -0.57
N CYS B 108 7.48 -16.97 -0.33
CA CYS B 108 6.25 -16.24 -0.63
C CYS B 108 6.31 -15.62 -2.02
N GLY B 109 7.24 -16.10 -2.85
CA GLY B 109 7.26 -15.80 -4.27
C GLY B 109 7.84 -14.45 -4.67
N LYS B 110 8.68 -13.86 -3.82
CA LYS B 110 9.22 -12.53 -4.09
C LYS B 110 10.60 -12.58 -4.74
N ALA B 111 10.69 -11.99 -5.93
CA ALA B 111 11.95 -11.85 -6.63
C ALA B 111 12.75 -10.71 -6.02
N GLY B 112 13.92 -10.42 -6.57
CA GLY B 112 14.75 -9.34 -6.08
C GLY B 112 14.32 -7.97 -6.59
N PHE B 113 15.08 -6.95 -6.22
CA PHE B 113 14.85 -5.60 -6.73
C PHE B 113 15.09 -5.61 -8.24
N ASN B 114 14.02 -5.51 -9.02
CA ASN B 114 14.12 -5.72 -10.46
C ASN B 114 13.27 -4.73 -11.27
N GLY B 115 13.16 -4.98 -12.57
CA GLY B 115 12.38 -4.11 -13.45
C GLY B 115 10.95 -3.88 -12.97
N ALA B 116 10.36 -4.93 -12.39
CA ALA B 116 8.98 -4.83 -11.91
C ALA B 116 8.88 -3.86 -10.73
N VAL B 117 9.85 -3.91 -9.83
CA VAL B 117 9.89 -2.96 -8.73
C VAL B 117 10.03 -1.55 -9.29
N VAL B 118 10.94 -1.36 -10.21
CA VAL B 118 11.15 -0.05 -10.80
C VAL B 118 9.87 0.47 -11.46
N ARG B 119 9.21 -0.37 -12.25
CA ARG B 119 8.03 0.08 -12.95
C ARG B 119 6.91 0.42 -11.97
N THR B 120 6.81 -0.35 -10.88
CA THR B 120 5.78 -0.10 -9.88
C THR B 120 6.08 1.20 -9.13
N LEU B 121 7.34 1.38 -8.76
CA LEU B 121 7.77 2.59 -8.07
C LEU B 121 7.54 3.83 -8.93
N GLN B 122 7.97 3.76 -10.19
CA GLN B 122 7.86 4.92 -11.09
C GLN B 122 6.40 5.25 -11.37
N GLY B 123 5.57 4.22 -11.49
CA GLY B 123 4.14 4.41 -11.65
C GLY B 123 3.53 5.10 -10.44
N PHE B 124 3.91 4.61 -9.26
CA PHE B 124 3.41 5.17 -8.01
C PHE B 124 3.77 6.65 -7.87
N LEU B 125 5.00 6.99 -8.21
CA LEU B 125 5.46 8.37 -8.09
C LEU B 125 4.79 9.25 -9.15
N SER B 126 4.51 8.70 -10.32
CA SER B 126 3.86 9.47 -11.38
C SER B 126 2.40 9.77 -11.00
N ARG B 127 1.85 9.03 -10.04
CA ARG B 127 0.51 9.32 -9.53
C ARG B 127 0.50 10.55 -8.60
N GLN B 128 1.69 11.05 -8.25
CA GLN B 128 1.77 12.15 -7.30
C GLN B 128 1.96 13.46 -8.02
N GLU B 129 1.26 14.49 -7.59
CA GLU B 129 1.52 15.83 -8.10
C GLU B 129 2.92 16.25 -7.68
N GLY B 130 3.76 16.60 -8.66
CA GLY B 130 5.14 16.97 -8.39
C GLY B 130 5.29 18.46 -8.18
N PRO B 131 6.50 18.90 -7.78
CA PRO B 131 7.67 18.07 -7.48
C PRO B 131 7.48 17.20 -6.24
N ILE B 132 8.15 16.07 -6.22
CA ILE B 132 8.10 15.15 -5.08
C ILE B 132 9.26 15.40 -4.12
N CYS B 133 8.96 15.41 -2.84
CA CYS B 133 9.98 15.41 -1.81
C CYS B 133 9.94 14.09 -1.07
N LEU B 134 10.99 13.27 -1.23
CA LEU B 134 11.10 12.03 -0.48
C LEU B 134 11.44 12.38 0.95
N VAL B 135 10.87 11.64 1.91
CA VAL B 135 11.14 11.89 3.32
C VAL B 135 11.50 10.60 4.01
N ALA B 136 12.67 10.55 4.65
CA ALA B 136 13.09 9.37 5.39
C ALA B 136 13.95 9.77 6.58
N HIS B 137 13.81 9.05 7.68
CA HIS B 137 14.52 9.40 8.89
C HIS B 137 15.93 8.84 8.88
N ASN B 138 16.91 9.76 8.90
CA ASN B 138 18.32 9.44 8.63
C ASN B 138 18.48 9.03 7.16
N GLY B 139 17.54 9.48 6.33
CA GLY B 139 17.56 9.20 4.90
C GLY B 139 18.87 9.54 4.22
N PHE B 140 19.50 10.65 4.60
CA PHE B 140 20.75 11.07 3.95
C PHE B 140 21.84 10.04 4.14
N ASP B 141 21.80 9.33 5.26
CA ASP B 141 22.87 8.38 5.59
C ASP B 141 22.49 6.94 5.30
N TYR B 142 21.21 6.67 5.09
CA TYR B 142 20.79 5.30 4.90
C TYR B 142 19.84 5.12 3.71
N ASP B 143 18.58 5.51 3.87
CA ASP B 143 17.56 5.12 2.91
C ASP B 143 17.82 5.66 1.50
N PHE B 144 18.25 6.91 1.39
CA PHE B 144 18.39 7.51 0.07
C PHE B 144 19.60 6.94 -0.68
N PRO B 145 20.77 6.84 -0.02
CA PRO B 145 21.88 6.19 -0.75
C PRO B 145 21.61 4.72 -1.09
N LEU B 146 20.92 4.01 -0.22
CA LEU B 146 20.62 2.60 -0.48
C LEU B 146 19.66 2.47 -1.67
N LEU B 147 18.60 3.28 -1.69
CA LEU B 147 17.67 3.25 -2.82
C LEU B 147 18.40 3.66 -4.08
N CYS B 148 19.30 4.65 -3.97
CA CYS B 148 20.08 5.10 -5.12
C CYS B 148 20.91 3.95 -5.71
N THR B 149 21.57 3.20 -4.83
CA THR B 149 22.34 2.04 -5.23
C THR B 149 21.50 1.03 -6.02
N GLU B 150 20.32 0.70 -5.50
CA GLU B 150 19.49 -0.34 -6.11
C GLU B 150 18.88 0.13 -7.44
N LEU B 151 18.53 1.42 -7.52
CA LEU B 151 18.06 1.99 -8.79
C LEU B 151 19.19 2.05 -9.81
N GLN B 152 20.35 2.50 -9.36
CA GLN B 152 21.51 2.63 -10.23
C GLN B 152 21.83 1.30 -10.89
N ARG B 153 21.70 0.22 -10.14
CA ARG B 153 22.02 -1.11 -10.63
C ARG B 153 21.26 -1.44 -11.91
N LEU B 154 20.05 -0.90 -12.01
CA LEU B 154 19.18 -1.16 -13.16
C LEU B 154 19.12 0.04 -14.10
N GLY B 155 19.91 1.06 -13.83
CA GLY B 155 19.91 2.28 -14.62
C GLY B 155 18.61 3.08 -14.54
N ALA B 156 17.89 2.95 -13.42
CA ALA B 156 16.58 3.57 -13.28
C ALA B 156 16.69 4.95 -12.63
N HIS B 157 15.80 5.86 -13.02
CA HIS B 157 15.82 7.22 -12.52
C HIS B 157 14.48 7.58 -11.90
N LEU B 158 14.54 8.54 -11.00
CA LEU B 158 13.35 9.19 -10.47
C LEU B 158 13.16 10.49 -11.23
N PRO B 159 11.96 11.07 -11.16
CA PRO B 159 11.70 12.35 -11.82
C PRO B 159 12.77 13.39 -11.49
N GLN B 160 13.16 14.19 -12.48
CA GLN B 160 14.32 15.08 -12.38
C GLN B 160 14.25 16.12 -11.26
N ASP B 161 13.04 16.53 -10.90
CA ASP B 161 12.85 17.60 -9.92
C ASP B 161 12.62 17.05 -8.51
N THR B 162 12.85 15.75 -8.33
CA THR B 162 12.67 15.13 -7.03
C THR B 162 13.68 15.68 -6.05
N VAL B 163 13.22 16.02 -4.84
CA VAL B 163 14.10 16.46 -3.77
C VAL B 163 13.95 15.54 -2.56
N CYS B 164 14.84 15.68 -1.59
CA CYS B 164 14.95 14.75 -0.46
C CYS B 164 15.04 15.49 0.86
N LEU B 165 14.19 15.11 1.83
CA LEU B 165 14.22 15.67 3.18
C LEU B 165 14.59 14.59 4.18
N ASP B 166 15.54 14.88 5.06
CA ASP B 166 15.90 13.99 6.16
C ASP B 166 15.46 14.64 7.46
N THR B 167 14.47 14.03 8.10
CA THR B 167 13.85 14.59 9.30
C THR B 167 14.80 14.64 10.51
N LEU B 168 15.92 13.94 10.42
CA LEU B 168 16.86 13.91 11.55
C LEU B 168 17.65 15.22 11.68
N PRO B 169 18.39 15.61 10.62
CA PRO B 169 19.03 16.93 10.71
C PRO B 169 18.03 18.08 10.69
N ALA B 170 16.88 17.87 10.07
CA ALA B 170 15.83 18.90 10.04
C ALA B 170 15.35 19.24 11.44
N LEU B 171 14.95 18.22 12.20
CA LEU B 171 14.44 18.44 13.56
C LEU B 171 15.54 18.95 14.50
N ARG B 172 16.76 18.42 14.35
CA ARG B 172 17.90 18.95 15.11
C ARG B 172 18.08 20.44 14.83
N GLY B 173 18.04 20.78 13.54
CA GLY B 173 18.25 22.15 13.11
C GLY B 173 17.18 23.09 13.63
N LEU B 174 15.93 22.65 13.54
CA LEU B 174 14.80 23.43 14.03
C LEU B 174 14.93 23.71 15.52
N ASP B 175 15.33 22.69 16.28
CA ASP B 175 15.50 22.87 17.73
C ASP B 175 16.71 23.75 18.04
N ARG B 176 17.75 23.61 17.23
CA ARG B 176 18.96 24.41 17.40
C ARG B 176 18.66 25.90 17.23
N ALA B 177 17.74 26.22 16.33
CA ALA B 177 17.35 27.61 16.08
C ALA B 177 16.59 28.20 17.26
N HIS B 178 15.84 27.36 17.97
CA HIS B 178 15.10 27.82 19.15
C HIS B 178 15.96 27.86 20.41
N SER B 179 17.19 27.34 20.32
CA SER B 179 18.07 27.27 21.47
C SER B 179 18.56 28.64 21.90
N GLY B 186 19.97 16.56 30.16
CA GLY B 186 21.00 16.00 29.31
C GLY B 186 20.65 16.12 27.84
N ARG B 187 21.51 15.55 26.99
CA ARG B 187 21.33 15.65 25.55
C ARG B 187 20.14 14.82 25.07
N LYS B 188 19.48 15.31 24.02
CA LYS B 188 18.28 14.65 23.51
C LYS B 188 18.57 13.72 22.34
N SER B 189 17.90 12.59 22.32
CA SER B 189 17.99 11.67 21.20
C SER B 189 17.03 12.08 20.09
N TYR B 190 17.45 11.89 18.84
CA TYR B 190 16.61 12.19 17.69
C TYR B 190 16.38 10.93 16.86
N SER B 191 16.56 9.77 17.48
CA SER B 191 16.09 8.52 16.90
C SER B 191 14.59 8.63 16.69
N LEU B 192 14.07 7.89 15.71
CA LEU B 192 12.65 7.86 15.43
C LEU B 192 11.85 7.54 16.70
N ALA B 193 12.34 6.58 17.48
CA ALA B 193 11.63 6.10 18.65
C ALA B 193 11.64 7.14 19.78
N SER B 194 12.77 7.82 19.93
CA SER B 194 12.91 8.84 20.97
C SER B 194 12.02 10.02 20.64
N LEU B 195 11.98 10.39 19.36
CA LEU B 195 11.15 11.49 18.91
C LEU B 195 9.68 11.21 19.17
N PHE B 196 9.25 10.00 18.83
CA PHE B 196 7.85 9.65 19.02
C PHE B 196 7.47 9.68 20.51
N HIS B 197 8.31 9.11 21.37
CA HIS B 197 7.98 9.06 22.78
C HIS B 197 8.00 10.47 23.38
N ARG B 198 8.91 11.31 22.90
CA ARG B 198 9.02 12.68 23.40
C ARG B 198 7.79 13.52 23.04
N TYR B 199 7.32 13.39 21.80
CA TYR B 199 6.22 14.22 21.32
C TYR B 199 4.84 13.70 21.72
N PHE B 200 4.68 12.39 21.77
CA PHE B 200 3.36 11.78 21.97
C PHE B 200 3.23 11.07 23.32
N GLN B 201 4.31 11.01 24.07
CA GLN B 201 4.32 10.36 25.39
C GLN B 201 3.69 8.97 25.32
N ALA B 202 4.11 8.20 24.33
CA ALA B 202 3.62 6.84 24.16
C ALA B 202 4.56 6.09 23.23
N GLU B 203 4.41 4.77 23.18
CA GLU B 203 5.16 3.95 22.23
C GLU B 203 4.32 3.77 20.98
N PRO B 204 4.95 3.77 19.80
CA PRO B 204 4.17 3.59 18.58
C PRO B 204 3.70 2.15 18.39
N SER B 205 2.67 1.96 17.57
CA SER B 205 2.12 0.62 17.33
C SER B 205 3.19 -0.34 16.80
N SER B 209 6.55 -4.14 10.20
CA SER B 209 6.62 -3.82 8.78
C SER B 209 7.29 -2.46 8.59
N ALA B 210 7.85 -2.25 7.39
CA ALA B 210 8.33 -0.94 7.00
C ALA B 210 7.21 0.09 7.13
N GLU B 211 5.97 -0.37 6.95
CA GLU B 211 4.82 0.51 7.05
C GLU B 211 4.68 1.12 8.44
N GLY B 212 5.02 0.35 9.46
CA GLY B 212 4.92 0.79 10.84
C GLY B 212 5.81 1.99 11.09
N ASP B 213 7.01 1.95 10.53
CA ASP B 213 7.96 3.04 10.74
C ASP B 213 7.67 4.25 9.83
N VAL B 214 7.07 4.03 8.67
CA VAL B 214 6.62 5.17 7.86
C VAL B 214 5.49 5.86 8.61
N HIS B 215 4.61 5.06 9.18
CA HIS B 215 3.46 5.56 9.95
C HIS B 215 3.94 6.45 11.10
N THR B 216 4.91 5.94 11.86
CA THR B 216 5.51 6.68 12.96
C THR B 216 6.17 7.97 12.48
N LEU B 217 6.92 7.89 11.38
CA LEU B 217 7.55 9.07 10.80
C LEU B 217 6.53 10.13 10.37
N LEU B 218 5.48 9.70 9.69
CA LEU B 218 4.44 10.62 9.25
C LEU B 218 3.77 11.33 10.43
N LEU B 219 3.51 10.62 11.53
CA LEU B 219 2.90 11.25 12.69
C LEU B 219 3.83 12.31 13.29
N ILE B 220 5.12 12.00 13.39
CA ILE B 220 6.09 12.96 13.88
C ILE B 220 6.11 14.20 13.00
N PHE B 221 6.07 13.97 11.69
CA PHE B 221 6.12 15.08 10.74
C PHE B 221 4.87 15.95 10.91
N LEU B 222 3.70 15.32 10.96
CA LEU B 222 2.45 16.05 11.14
C LEU B 222 2.49 16.94 12.37
N HIS B 223 3.04 16.43 13.45
CA HIS B 223 3.11 17.16 14.72
C HIS B 223 3.87 18.47 14.59
N ARG B 224 4.85 18.50 13.69
CA ARG B 224 5.66 19.71 13.48
C ARG B 224 5.73 20.07 12.01
N ALA B 225 4.60 19.88 11.31
CA ALA B 225 4.56 19.99 9.87
C ALA B 225 4.97 21.37 9.34
N PRO B 226 4.45 22.45 9.94
CA PRO B 226 4.80 23.77 9.40
C PRO B 226 6.31 24.03 9.41
N GLU B 227 6.96 23.62 10.49
CA GLU B 227 8.40 23.80 10.61
C GLU B 227 9.16 22.93 9.61
N LEU B 228 8.72 21.68 9.45
CA LEU B 228 9.40 20.75 8.55
C LEU B 228 9.13 21.08 7.08
N LEU B 229 7.93 21.57 6.76
CA LEU B 229 7.64 22.04 5.43
C LEU B 229 8.55 23.23 5.08
N ALA B 230 8.70 24.15 6.04
CA ALA B 230 9.59 25.28 5.84
C ALA B 230 11.03 24.81 5.64
N TRP B 231 11.45 23.80 6.41
CA TRP B 231 12.80 23.28 6.30
C TRP B 231 13.05 22.65 4.92
N ALA B 232 12.07 21.88 4.45
CA ALA B 232 12.14 21.25 3.14
C ALA B 232 12.22 22.29 2.02
N ASP B 233 11.38 23.32 2.10
CA ASP B 233 11.35 24.36 1.09
C ASP B 233 12.68 25.11 0.98
N GLU B 234 13.43 25.12 2.06
CA GLU B 234 14.67 25.88 2.12
C GLU B 234 15.90 25.01 1.85
N GLN B 235 15.82 23.74 2.23
CA GLN B 235 17.02 22.91 2.33
C GLN B 235 16.92 21.49 1.78
N ALA B 236 15.77 21.07 1.26
CA ALA B 236 15.65 19.72 0.70
C ALA B 236 16.68 19.57 -0.42
N ARG B 237 17.28 18.39 -0.50
CA ARG B 237 18.38 18.13 -1.44
C ARG B 237 17.88 17.46 -2.71
N SER B 238 18.46 17.83 -3.86
CA SER B 238 18.06 17.23 -5.13
C SER B 238 18.36 15.73 -5.13
N TRP B 239 17.39 14.91 -5.50
CA TRP B 239 17.61 13.48 -5.56
C TRP B 239 18.81 13.18 -6.48
N ALA B 240 18.92 13.95 -7.56
CA ALA B 240 19.97 13.72 -8.55
C ALA B 240 21.37 13.82 -7.94
N HIS B 241 21.46 14.44 -6.77
CA HIS B 241 22.74 14.63 -6.09
C HIS B 241 22.99 13.57 -5.02
N ILE B 242 22.02 12.69 -4.81
CA ILE B 242 22.24 11.58 -3.90
C ILE B 242 23.26 10.62 -4.50
N GLU B 243 24.20 10.18 -3.68
CA GLU B 243 25.23 9.25 -4.10
C GLU B 243 24.87 7.84 -3.66
N PRO B 244 25.20 6.83 -4.48
CA PRO B 244 24.93 5.45 -4.06
C PRO B 244 25.70 5.07 -2.79
N MET B 245 25.09 4.28 -1.93
CA MET B 245 25.74 3.81 -0.71
C MET B 245 27.02 3.03 -1.03
N TYR B 246 26.89 2.05 -1.93
CA TYR B 246 28.03 1.34 -2.51
C TYR B 246 27.77 1.16 -4.00
N VAL B 247 28.80 0.81 -4.75
CA VAL B 247 28.62 0.55 -6.18
C VAL B 247 28.00 -0.83 -6.35
N PRO B 248 26.86 -0.92 -7.06
CA PRO B 248 26.22 -2.24 -7.20
C PRO B 248 26.93 -3.12 -8.23
N PRO B 249 26.74 -4.45 -8.15
CA PRO B 249 27.28 -5.28 -9.23
C PRO B 249 26.67 -4.86 -10.57
N ASP B 250 27.48 -4.80 -11.63
CA ASP B 250 26.95 -4.41 -12.94
C ASP B 250 26.66 -5.63 -13.79
#